data_5IN9
#
_entry.id   5IN9
#
_cell.length_a   43.020
_cell.length_b   65.650
_cell.length_c   95.860
_cell.angle_alpha   90.00
_cell.angle_beta   92.91
_cell.angle_gamma   90.00
#
_symmetry.space_group_name_H-M   'P 1 21 1'
#
loop_
_entity.id
_entity.type
_entity.pdbx_description
1 polymer Endoplasmin
2 non-polymer 'TRIETHYLENE GLYCOL'
3 non-polymer GLYCEROL
4 non-polymer 'methyl 3-chloro-2-(2-{1-[(5-chlorofuran-2-yl)methyl]-1H-imidazol-2-yl}ethyl)-4,6-dihydroxybenzoate'
5 water water
#
_entity_poly.entity_id   1
_entity_poly.type   'polypeptide(L)'
_entity_poly.pdbx_seq_one_letter_code
;SLREKSEKFAFQAEVNRMMKLIINSLYKNKEIFLRELISNASDALDKIRLISLTDENALAGNEELTVKIKCDKEKNLLHV
TDTGVGMTREELVKNLGTIAKSGTSEFLNKMTEAQEDGQSTSELIGQFGVGFYSAFLVADKVIVTSKHNNDTQHIWESDS
NEFSVIADPRGNTLGRGTTITLVLKEEASDYLELDTIKNLVKKYSQFINFPIYVWSSKTGGGGKTVWDWELMN
;
_entity_poly.pdbx_strand_id   A,B
#
# COMPACT_ATOMS: atom_id res chain seq x y z
N GLU A 7 6.86 13.24 12.51
CA GLU A 7 6.29 12.17 13.34
C GLU A 7 5.43 11.22 12.53
N LYS A 8 5.47 11.38 11.20
CA LYS A 8 4.80 10.48 10.27
C LYS A 8 5.85 9.61 9.58
N PHE A 9 5.49 8.36 9.31
CA PHE A 9 6.46 7.37 8.86
C PHE A 9 5.93 6.49 7.75
N ALA A 10 6.77 6.25 6.77
CA ALA A 10 6.45 5.25 5.79
C ALA A 10 6.78 3.87 6.38
N PHE A 11 5.85 2.94 6.23
CA PHE A 11 6.15 1.53 6.45
C PHE A 11 7.35 1.14 5.60
N GLN A 12 8.10 0.14 6.06
CA GLN A 12 9.15 -0.43 5.23
C GLN A 12 8.54 -1.27 4.10
N ALA A 13 9.25 -1.33 2.98
CA ALA A 13 8.77 -2.03 1.80
C ALA A 13 8.27 -3.46 2.05
N GLU A 14 9.02 -4.27 2.81
CA GLU A 14 8.63 -5.67 2.99
C GLU A 14 7.38 -5.77 3.85
N VAL A 15 7.18 -4.75 4.70
CA VAL A 15 6.01 -4.70 5.57
C VAL A 15 4.77 -4.34 4.75
N ASN A 16 4.95 -3.49 3.75
CA ASN A 16 3.90 -3.23 2.75
C ASN A 16 3.51 -4.51 2.04
N ARG A 17 4.50 -5.26 1.56
CA ARG A 17 4.26 -6.53 0.89
C ARG A 17 3.65 -7.56 1.82
N MET A 18 4.12 -7.58 3.06
CA MET A 18 3.55 -8.47 4.06
C MET A 18 2.09 -8.15 4.30
N MET A 19 1.77 -6.86 4.39
CA MET A 19 0.40 -6.45 4.58
C MET A 19 -0.47 -6.98 3.42
N LYS A 20 -0.09 -6.64 2.20
CA LYS A 20 -0.87 -7.07 1.05
C LYS A 20 -1.00 -8.59 0.98
N LEU A 21 0.10 -9.31 1.26
CA LEU A 21 0.08 -10.77 1.30
C LEU A 21 -0.91 -11.32 2.30
N ILE A 22 -0.86 -10.81 3.53
CA ILE A 22 -1.77 -11.23 4.59
C ILE A 22 -3.25 -10.95 4.23
N ILE A 23 -3.52 -9.83 3.58
CA ILE A 23 -4.90 -9.53 3.20
C ILE A 23 -5.40 -10.50 2.11
N ASN A 24 -4.59 -10.71 1.08
CA ASN A 24 -4.98 -11.59 0.00
C ASN A 24 -5.04 -13.06 0.42
N SER A 25 -4.26 -13.42 1.42
CA SER A 25 -4.32 -14.79 1.93
C SER A 25 -5.59 -15.03 2.73
N LEU A 26 -5.94 -14.07 3.58
CA LEU A 26 -6.87 -14.35 4.67
C LEU A 26 -8.23 -13.70 4.58
N TYR A 27 -8.53 -12.99 3.49
CA TYR A 27 -9.83 -12.34 3.34
C TYR A 27 -10.96 -13.36 3.52
N LYS A 28 -10.63 -14.62 3.27
CA LYS A 28 -11.52 -15.76 3.48
C LYS A 28 -11.78 -16.06 4.96
N ASN A 29 -10.77 -15.85 5.79
CA ASN A 29 -10.88 -16.10 7.24
C ASN A 29 -10.55 -14.89 8.11
N LYS A 30 -11.36 -13.84 8.03
CA LYS A 30 -11.04 -12.59 8.72
C LYS A 30 -10.92 -12.73 10.24
N GLU A 31 -11.70 -13.61 10.84
CA GLU A 31 -11.74 -13.76 12.30
C GLU A 31 -10.39 -14.12 12.93
N ILE A 32 -9.48 -14.61 12.09
CA ILE A 32 -8.12 -14.88 12.49
C ILE A 32 -7.41 -13.68 13.19
N PHE A 33 -7.88 -12.47 12.93
CA PHE A 33 -7.24 -11.26 13.47
C PHE A 33 -7.39 -11.30 14.98
N LEU A 34 -8.51 -11.84 15.42
CA LEU A 34 -8.81 -11.86 16.83
C LEU A 34 -7.93 -12.88 17.57
N ARG A 35 -7.67 -14.00 16.90
CA ARG A 35 -6.78 -15.02 17.43
C ARG A 35 -5.40 -14.41 17.63
N GLU A 36 -4.95 -13.68 16.64
CA GLU A 36 -3.62 -13.11 16.66
C GLU A 36 -3.48 -12.02 17.70
N LEU A 37 -4.50 -11.19 17.88
CA LEU A 37 -4.42 -10.10 18.85
C LEU A 37 -4.40 -10.69 20.25
N ILE A 38 -5.21 -11.71 20.45
CA ILE A 38 -5.26 -12.37 21.75
C ILE A 38 -3.92 -13.04 22.06
N SER A 39 -3.35 -13.66 21.04
CA SER A 39 -2.09 -14.37 21.17
C SER A 39 -0.93 -13.40 21.39
N ASN A 40 -1.00 -12.25 20.74
CA ASN A 40 0.03 -11.23 20.91
C ASN A 40 -0.06 -10.57 22.28
N ALA A 41 -1.28 -10.43 22.80
CA ALA A 41 -1.51 -9.86 24.12
C ALA A 41 -0.88 -10.77 25.17
N SER A 42 -1.19 -12.05 25.06
CA SER A 42 -0.55 -13.12 25.83
C SER A 42 0.97 -13.05 25.84
N ASP A 43 1.59 -12.77 24.70
CA ASP A 43 3.05 -12.69 24.64
C ASP A 43 3.58 -11.54 25.47
N ALA A 44 2.91 -10.39 25.38
CA ALA A 44 3.29 -9.18 26.10
C ALA A 44 3.23 -9.40 27.62
N LEU A 45 2.16 -10.05 28.05
CA LEU A 45 1.97 -10.41 29.44
C LEU A 45 3.09 -11.36 29.89
N ASP A 46 3.47 -12.28 29.01
CA ASP A 46 4.56 -13.21 29.28
C ASP A 46 5.87 -12.49 29.48
N LYS A 47 6.08 -11.41 28.72
CA LYS A 47 7.36 -10.73 28.76
C LYS A 47 7.49 -9.97 30.05
N ILE A 48 6.41 -9.32 30.48
CA ILE A 48 6.47 -8.51 31.67
C ILE A 48 6.48 -9.44 32.91
N ARG A 49 5.82 -10.59 32.81
CA ARG A 49 5.89 -11.61 33.87
C ARG A 49 7.32 -12.16 34.02
N LEU A 50 8.01 -12.31 32.90
CA LEU A 50 9.40 -12.74 32.93
C LEU A 50 10.33 -11.67 33.51
N ILE A 51 10.07 -10.42 33.14
CA ILE A 51 10.80 -9.28 33.65
C ILE A 51 10.56 -9.15 35.15
N SER A 52 9.36 -9.49 35.60
CA SER A 52 9.04 -9.40 37.01
C SER A 52 9.78 -10.45 37.83
N LEU A 53 10.39 -11.43 37.18
CA LEU A 53 11.15 -12.44 37.88
C LEU A 53 12.33 -11.83 38.60
N THR A 54 13.00 -10.90 37.91
CA THR A 54 14.22 -10.32 38.44
C THR A 54 13.98 -8.91 39.00
N ASP A 55 12.88 -8.28 38.58
CA ASP A 55 12.53 -6.95 39.06
C ASP A 55 11.03 -6.80 39.10
N GLU A 56 10.41 -6.77 40.27
CA GLU A 56 8.94 -6.64 40.29
C GLU A 56 8.60 -5.20 40.74
N ASN A 57 9.45 -4.28 40.36
CA ASN A 57 8.97 -2.92 40.21
C ASN A 57 8.31 -2.87 38.83
N ALA A 58 8.63 -3.86 38.01
CA ALA A 58 8.06 -4.05 36.69
C ALA A 58 6.55 -4.01 36.69
N LEU A 59 5.95 -4.48 37.77
CA LEU A 59 4.50 -4.57 37.84
C LEU A 59 3.84 -3.41 38.60
N ALA A 60 4.57 -2.30 38.76
CA ALA A 60 4.13 -1.21 39.63
C ALA A 60 2.99 -0.40 39.02
N GLY A 61 3.13 -0.03 37.76
CA GLY A 61 2.15 0.81 37.08
C GLY A 61 0.82 0.11 36.91
N ASN A 62 0.86 -1.22 36.98
CA ASN A 62 -0.33 -2.03 36.84
C ASN A 62 -0.04 -3.43 37.36
N GLU A 63 -0.76 -3.82 38.41
CA GLU A 63 -0.41 -5.03 39.16
C GLU A 63 -1.01 -6.30 38.56
N GLU A 64 -1.96 -6.15 37.65
CA GLU A 64 -2.69 -7.30 37.13
C GLU A 64 -2.15 -7.73 35.78
N LEU A 65 -2.44 -8.98 35.42
CA LEU A 65 -2.04 -9.54 34.14
C LEU A 65 -3.24 -10.11 33.42
N THR A 66 -3.85 -9.27 32.57
CA THR A 66 -5.14 -9.59 31.95
C THR A 66 -5.24 -9.14 30.49
N VAL A 67 -6.17 -9.77 29.78
CA VAL A 67 -6.63 -9.22 28.52
C VAL A 67 -8.08 -8.83 28.69
N LYS A 68 -8.43 -7.65 28.21
CA LYS A 68 -9.79 -7.12 28.37
C LYS A 68 -10.28 -6.57 27.04
N ILE A 69 -11.35 -7.14 26.53
CA ILE A 69 -11.80 -6.83 25.20
C ILE A 69 -13.12 -6.08 25.32
N LYS A 70 -13.26 -5.02 24.51
CA LYS A 70 -14.41 -4.12 24.61
C LYS A 70 -14.96 -3.74 23.23
N CYS A 71 -16.25 -3.97 23.03
CA CYS A 71 -16.95 -3.53 21.82
C CYS A 71 -17.61 -2.17 22.00
N ASP A 72 -17.33 -1.25 21.09
CA ASP A 72 -18.17 -0.07 20.98
C ASP A 72 -18.86 -0.09 19.64
N LYS A 73 -20.07 -0.65 19.63
CA LYS A 73 -20.87 -0.75 18.42
C LYS A 73 -21.26 0.64 17.89
N GLU A 74 -21.57 1.55 18.82
CA GLU A 74 -22.00 2.90 18.44
C GLU A 74 -20.87 3.69 17.78
N LYS A 75 -19.64 3.45 18.23
CA LYS A 75 -18.47 4.15 17.71
C LYS A 75 -17.72 3.37 16.64
N ASN A 76 -18.19 2.16 16.32
CA ASN A 76 -17.58 1.29 15.31
C ASN A 76 -16.14 0.91 15.71
N LEU A 77 -15.94 0.74 17.01
CA LEU A 77 -14.62 0.43 17.52
C LEU A 77 -14.61 -0.96 18.16
N LEU A 78 -13.44 -1.58 18.11
CA LEU A 78 -13.17 -2.75 18.91
C LEU A 78 -11.82 -2.49 19.58
N HIS A 79 -11.78 -2.71 20.89
CA HIS A 79 -10.57 -2.55 21.70
C HIS A 79 -10.07 -3.89 22.26
N VAL A 80 -8.77 -4.12 22.14
CA VAL A 80 -8.11 -5.24 22.80
C VAL A 80 -6.96 -4.72 23.66
N THR A 81 -7.14 -4.83 24.97
CA THR A 81 -6.22 -4.23 25.95
C THR A 81 -5.50 -5.28 26.80
N ASP A 82 -4.18 -5.20 26.84
CA ASP A 82 -3.40 -6.05 27.74
C ASP A 82 -2.57 -5.19 28.68
N THR A 83 -2.25 -5.77 29.84
CA THR A 83 -1.40 -5.12 30.84
C THR A 83 0.00 -5.69 30.74
N GLY A 84 0.40 -6.07 29.54
CA GLY A 84 1.71 -6.66 29.34
C GLY A 84 2.80 -5.62 29.51
N VAL A 85 3.93 -5.89 28.87
CA VAL A 85 5.13 -5.07 28.97
C VAL A 85 4.98 -3.67 28.33
N GLY A 86 4.08 -3.54 27.35
CA GLY A 86 3.88 -2.29 26.65
C GLY A 86 5.01 -1.99 25.68
N MET A 87 4.93 -0.85 25.01
CA MET A 87 5.97 -0.48 24.04
C MET A 87 6.39 0.97 24.19
N THR A 88 7.70 1.24 24.08
CA THR A 88 8.17 2.61 24.09
C THR A 88 7.94 3.22 22.75
N ARG A 89 7.95 4.55 22.72
CA ARG A 89 7.81 5.31 21.49
C ARG A 89 8.74 4.76 20.41
N GLU A 90 10.00 4.59 20.78
CA GLU A 90 10.99 4.03 19.88
C GLU A 90 10.58 2.63 19.41
N GLU A 91 10.03 1.84 20.32
CA GLU A 91 9.63 0.49 19.96
C GLU A 91 8.45 0.47 19.00
N LEU A 92 7.51 1.39 19.18
CA LEU A 92 6.40 1.52 18.27
C LEU A 92 6.84 1.82 16.85
N VAL A 93 7.86 2.64 16.72
CA VAL A 93 8.36 3.04 15.40
C VAL A 93 9.09 1.87 14.77
N LYS A 94 10.01 1.26 15.51
CA LYS A 94 10.81 0.15 14.97
C LYS A 94 9.99 -1.13 14.75
N ASN A 95 9.24 -1.54 15.78
CA ASN A 95 8.59 -2.84 15.76
C ASN A 95 7.34 -2.87 14.92
N LEU A 96 6.74 -1.72 14.69
CA LEU A 96 5.47 -1.67 13.98
C LEU A 96 5.56 -1.03 12.61
N GLY A 97 6.71 -1.08 11.97
CA GLY A 97 6.75 -0.56 10.61
C GLY A 97 8.09 -0.31 9.97
N THR A 98 8.94 0.47 10.63
CA THR A 98 10.18 0.90 10.00
C THR A 98 11.22 -0.22 9.84
N ILE A 99 11.14 -1.28 10.62
CA ILE A 99 12.06 -2.40 10.43
C ILE A 99 11.30 -3.72 10.36
N ALA A 100 11.87 -4.70 9.67
CA ALA A 100 11.32 -6.03 9.65
C ALA A 100 12.23 -6.98 10.42
N LYS A 101 11.67 -8.04 10.98
CA LYS A 101 12.45 -9.03 11.70
C LYS A 101 13.39 -9.70 10.71
N SER A 102 14.47 -10.28 11.22
CA SER A 102 15.28 -11.20 10.43
C SER A 102 14.37 -12.25 9.78
N GLY A 103 14.64 -12.60 8.53
CA GLY A 103 13.88 -13.64 7.88
C GLY A 103 12.55 -13.19 7.30
N THR A 104 12.21 -11.91 7.47
CA THR A 104 11.06 -11.34 6.78
C THR A 104 11.26 -11.41 5.29
N SER A 105 12.41 -10.87 4.87
CA SER A 105 12.77 -10.58 3.46
C SER A 105 12.59 -11.75 2.54
N GLU A 106 12.01 -12.82 3.05
CA GLU A 106 10.87 -13.55 2.44
C GLU A 106 10.60 -14.83 3.29
N PHE A 107 10.05 -14.53 4.48
CA PHE A 107 8.89 -15.20 5.08
C PHE A 107 7.79 -15.08 4.04
N LEU A 108 7.94 -13.99 3.28
CA LEU A 108 7.21 -13.78 2.07
C LEU A 108 7.37 -14.82 0.90
N ASN A 109 8.42 -15.67 0.75
CA ASN A 109 8.27 -16.67 -0.35
C ASN A 109 7.24 -17.63 0.16
N LYS A 110 7.49 -18.07 1.39
CA LYS A 110 6.74 -19.16 1.99
C LYS A 110 5.24 -18.85 2.02
N MET A 111 4.90 -17.59 2.25
CA MET A 111 3.53 -17.13 2.14
C MET A 111 2.87 -17.59 0.85
N THR A 112 3.32 -17.04 -0.27
CA THR A 112 2.86 -17.44 -1.60
C THR A 112 2.87 -18.95 -1.82
N GLU A 113 4.08 -19.50 -1.75
CA GLU A 113 4.38 -20.90 -2.03
C GLU A 113 3.87 -21.83 -0.90
N ALA A 114 4.14 -23.16 -0.90
CA ALA A 114 4.89 -23.91 -1.92
C ALA A 114 4.08 -25.07 -2.51
N SER A 120 -2.42 -22.88 3.04
CA SER A 120 -2.97 -22.03 4.09
C SER A 120 -1.89 -21.25 4.80
N THR A 121 -2.01 -19.92 4.78
CA THR A 121 -1.03 -19.04 5.43
C THR A 121 -1.40 -18.72 6.89
N SER A 122 -2.48 -19.33 7.36
CA SER A 122 -2.96 -19.11 8.71
C SER A 122 -1.87 -19.29 9.77
N GLU A 123 -1.04 -20.31 9.62
CA GLU A 123 -0.04 -20.61 10.64
C GLU A 123 1.31 -19.97 10.33
N LEU A 124 1.56 -19.66 9.06
CA LEU A 124 2.74 -18.88 8.69
C LEU A 124 2.80 -17.57 9.48
N ILE A 125 1.68 -16.85 9.46
CA ILE A 125 1.58 -15.57 10.15
C ILE A 125 1.76 -15.75 11.67
N GLY A 126 0.95 -16.60 12.29
CA GLY A 126 1.12 -16.88 13.70
C GLY A 126 2.53 -17.33 14.07
N GLN A 127 3.19 -18.04 13.17
CA GLN A 127 4.50 -18.60 13.47
C GLN A 127 5.61 -17.57 13.41
N PHE A 128 5.49 -16.60 12.50
CA PHE A 128 6.51 -15.56 12.36
C PHE A 128 6.22 -14.36 13.24
N GLY A 129 5.16 -14.48 14.03
CA GLY A 129 4.82 -13.46 15.00
C GLY A 129 4.40 -12.16 14.36
N VAL A 130 3.77 -12.25 13.19
CA VAL A 130 3.39 -11.07 12.42
C VAL A 130 1.88 -10.84 12.31
N GLY A 131 1.10 -11.51 13.17
CA GLY A 131 -0.35 -11.42 13.14
C GLY A 131 -0.99 -10.06 13.40
N PHE A 132 -0.22 -9.10 13.93
CA PHE A 132 -0.72 -7.74 14.16
C PHE A 132 -1.32 -7.18 12.88
N TYR A 133 -0.64 -7.43 11.77
CA TYR A 133 -1.04 -6.88 10.48
C TYR A 133 -2.33 -7.46 9.90
N SER A 134 -2.78 -8.59 10.44
CA SER A 134 -4.08 -9.11 10.07
C SER A 134 -5.20 -8.23 10.62
N ALA A 135 -4.86 -7.26 11.47
CA ALA A 135 -5.84 -6.30 11.96
C ALA A 135 -6.45 -5.54 10.77
N PHE A 136 -5.65 -5.31 9.73
CA PHE A 136 -6.12 -4.57 8.56
C PHE A 136 -7.03 -5.39 7.69
N LEU A 137 -7.25 -6.65 8.07
CA LEU A 137 -8.26 -7.46 7.39
C LEU A 137 -9.64 -6.89 7.64
N VAL A 138 -9.87 -6.44 8.86
CA VAL A 138 -11.21 -6.06 9.30
C VAL A 138 -11.31 -4.57 9.63
N ALA A 139 -10.18 -3.85 9.54
CA ALA A 139 -10.16 -2.48 10.04
C ALA A 139 -9.61 -1.48 9.05
N ASP A 140 -10.29 -0.35 8.93
CA ASP A 140 -9.78 0.75 8.15
C ASP A 140 -8.69 1.53 8.88
N LYS A 141 -8.79 1.61 10.19
CA LYS A 141 -7.74 2.23 10.99
C LYS A 141 -7.42 1.35 12.19
N VAL A 142 -6.14 1.32 12.54
CA VAL A 142 -5.68 0.66 13.74
C VAL A 142 -4.91 1.67 14.58
N ILE A 143 -5.26 1.74 15.87
CA ILE A 143 -4.59 2.61 16.80
C ILE A 143 -4.01 1.76 17.92
N VAL A 144 -2.74 1.99 18.22
CA VAL A 144 -2.08 1.32 19.32
C VAL A 144 -1.71 2.37 20.38
N THR A 145 -2.37 2.28 21.52
CA THR A 145 -2.03 3.11 22.66
C THR A 145 -1.22 2.26 23.61
N SER A 146 -0.04 2.74 23.99
CA SER A 146 0.86 1.87 24.72
C SER A 146 1.59 2.64 25.81
N LYS A 147 1.78 1.95 26.94
CA LYS A 147 2.48 2.49 28.10
C LYS A 147 3.51 1.46 28.61
N HIS A 148 4.77 1.90 28.55
CA HIS A 148 5.94 1.09 28.92
C HIS A 148 6.55 1.76 30.14
N ASN A 149 7.07 0.95 31.06
CA ASN A 149 7.72 1.46 32.27
C ASN A 149 8.79 2.52 31.97
N ASN A 150 9.52 2.35 30.87
CA ASN A 150 10.60 3.27 30.53
C ASN A 150 10.21 4.49 29.70
N ASP A 151 8.92 4.69 29.44
CA ASP A 151 8.54 5.85 28.64
C ASP A 151 7.17 6.41 28.98
N THR A 152 6.82 7.52 28.35
CA THR A 152 5.48 8.08 28.48
C THR A 152 4.58 7.39 27.47
N GLN A 153 3.29 7.33 27.78
CA GLN A 153 2.27 6.76 26.91
C GLN A 153 2.22 7.45 25.53
N HIS A 154 2.24 6.64 24.49
CA HIS A 154 2.25 7.13 23.13
C HIS A 154 1.13 6.47 22.32
N ILE A 155 0.77 7.12 21.21
CA ILE A 155 -0.24 6.62 20.29
C ILE A 155 0.35 6.41 18.90
N TRP A 156 0.16 5.20 18.38
CA TRP A 156 0.55 4.82 17.03
C TRP A 156 -0.73 4.66 16.27
N GLU A 157 -0.80 5.27 15.08
CA GLU A 157 -2.04 5.30 14.32
C GLU A 157 -1.74 5.01 12.86
N SER A 158 -2.60 4.26 12.20
CA SER A 158 -2.32 3.90 10.83
C SER A 158 -3.53 3.43 10.04
N ASP A 159 -3.64 3.92 8.82
CA ASP A 159 -4.58 3.38 7.85
C ASP A 159 -3.87 2.44 6.85
N SER A 160 -2.62 2.09 7.19
CA SER A 160 -1.71 1.21 6.43
C SER A 160 -0.93 1.90 5.28
N ASN A 161 -1.19 3.20 5.07
CA ASN A 161 -0.57 3.95 3.97
C ASN A 161 0.54 4.79 4.49
N GLU A 162 0.64 4.79 5.82
CA GLU A 162 1.72 5.37 6.60
C GLU A 162 1.31 5.19 8.04
N PHE A 163 2.13 5.65 8.97
CA PHE A 163 1.68 5.72 10.35
C PHE A 163 2.32 6.90 11.05
N SER A 164 1.73 7.29 12.18
CA SER A 164 2.33 8.33 12.99
C SER A 164 2.36 7.89 14.45
N VAL A 165 3.33 8.43 15.17
CA VAL A 165 3.43 8.21 16.60
C VAL A 165 3.41 9.53 17.33
N ILE A 166 2.55 9.62 18.34
CA ILE A 166 2.53 10.81 19.17
C ILE A 166 2.47 10.45 20.65
N ALA A 167 3.02 11.34 21.48
CA ALA A 167 2.76 11.30 22.90
C ALA A 167 1.26 11.45 23.15
N ASP A 168 0.70 10.56 23.95
CA ASP A 168 -0.72 10.63 24.29
C ASP A 168 -1.01 11.87 25.16
N PRO A 169 -1.89 12.76 24.68
CA PRO A 169 -2.28 13.99 25.40
C PRO A 169 -2.98 13.73 26.72
N ARG A 170 -3.46 12.50 26.89
CA ARG A 170 -4.22 12.08 28.05
C ARG A 170 -3.31 11.65 29.21
N GLY A 171 -2.01 11.55 28.94
CA GLY A 171 -1.07 11.07 29.93
C GLY A 171 -1.13 9.57 30.11
N ASN A 172 -0.74 9.10 31.28
CA ASN A 172 -0.70 7.66 31.50
C ASN A 172 -2.02 7.15 32.05
N THR A 173 -2.80 6.51 31.19
CA THR A 173 -4.10 5.97 31.58
C THR A 173 -4.09 4.43 31.57
N LEU A 174 -3.17 3.83 30.81
CA LEU A 174 -3.09 2.37 30.78
C LEU A 174 -2.45 1.84 32.08
N GLY A 175 -1.53 2.61 32.64
CA GLY A 175 -0.72 2.15 33.76
C GLY A 175 0.54 1.51 33.21
N ARG A 176 0.33 0.38 32.56
CA ARG A 176 1.35 -0.29 31.78
C ARG A 176 0.58 -1.15 30.83
N GLY A 177 0.96 -1.15 29.55
CA GLY A 177 0.32 -2.05 28.62
C GLY A 177 -0.06 -1.45 27.28
N THR A 178 -0.95 -2.14 26.58
CA THR A 178 -1.30 -1.81 25.21
C THR A 178 -2.77 -2.03 24.88
N THR A 179 -3.39 -1.02 24.25
CA THR A 179 -4.70 -1.17 23.65
C THR A 179 -4.51 -1.11 22.14
N ILE A 180 -5.16 -2.03 21.49
CA ILE A 180 -5.28 -2.03 20.05
C ILE A 180 -6.72 -1.66 19.78
N THR A 181 -6.90 -0.59 19.01
CA THR A 181 -8.24 -0.12 18.70
C THR A 181 -8.46 -0.24 17.23
N LEU A 182 -9.50 -0.95 16.85
CA LEU A 182 -9.79 -1.09 15.44
C LEU A 182 -11.00 -0.25 15.06
N VAL A 183 -10.83 0.61 14.06
CA VAL A 183 -11.95 1.23 13.38
C VAL A 183 -12.42 0.24 12.29
N LEU A 184 -13.56 -0.42 12.51
CA LEU A 184 -13.94 -1.55 11.66
C LEU A 184 -14.47 -1.13 10.28
N LYS A 185 -14.20 -1.98 9.28
CA LYS A 185 -14.79 -1.82 7.96
C LYS A 185 -16.26 -2.19 8.00
N GLU A 186 -17.04 -1.66 7.07
CA GLU A 186 -18.43 -2.08 6.89
C GLU A 186 -18.55 -3.59 6.74
N GLU A 187 -17.68 -4.17 5.90
CA GLU A 187 -17.56 -5.62 5.69
C GLU A 187 -17.35 -6.42 6.98
N ALA A 188 -17.00 -5.73 8.07
CA ALA A 188 -16.58 -6.38 9.31
C ALA A 188 -17.47 -6.03 10.50
N SER A 189 -18.66 -5.52 10.21
CA SER A 189 -19.58 -5.03 11.24
C SER A 189 -20.06 -6.09 12.23
N ASP A 190 -20.00 -7.37 11.85
CA ASP A 190 -20.45 -8.43 12.76
C ASP A 190 -19.54 -8.54 13.98
N TYR A 191 -18.30 -8.08 13.82
CA TYR A 191 -17.35 -8.08 14.91
C TYR A 191 -17.62 -6.99 15.96
N LEU A 192 -18.72 -6.25 15.77
CA LEU A 192 -19.17 -5.32 16.80
C LEU A 192 -20.18 -6.00 17.73
N GLU A 193 -20.72 -7.14 17.29
CA GLU A 193 -21.73 -7.89 18.02
C GLU A 193 -21.14 -8.68 19.19
N LEU A 194 -21.81 -8.64 20.34
CA LEU A 194 -21.26 -9.18 21.58
C LEU A 194 -21.12 -10.70 21.55
N ASP A 195 -22.18 -11.37 21.13
CA ASP A 195 -22.21 -12.82 21.04
C ASP A 195 -21.18 -13.37 20.04
N THR A 196 -20.87 -12.57 19.03
CA THR A 196 -19.91 -12.97 18.01
C THR A 196 -18.51 -12.88 18.61
N ILE A 197 -18.25 -11.79 19.34
CA ILE A 197 -16.94 -11.57 19.91
C ILE A 197 -16.72 -12.54 21.07
N LYS A 198 -17.71 -12.67 21.93
CA LYS A 198 -17.63 -13.59 23.06
C LYS A 198 -17.33 -15.02 22.60
N ASN A 199 -18.09 -15.48 21.61
CA ASN A 199 -17.91 -16.83 21.10
C ASN A 199 -16.55 -16.98 20.45
N LEU A 200 -16.05 -15.92 19.82
CA LEU A 200 -14.71 -15.95 19.23
C LEU A 200 -13.57 -15.82 20.26
N VAL A 201 -13.83 -15.15 21.39
CA VAL A 201 -12.79 -15.03 22.40
C VAL A 201 -12.71 -16.32 23.20
N LYS A 202 -13.85 -16.95 23.44
CA LYS A 202 -13.86 -18.25 24.08
C LYS A 202 -13.03 -19.24 23.26
N LYS A 203 -13.24 -19.23 21.95
CA LYS A 203 -12.59 -20.23 21.13
C LYS A 203 -11.10 -19.98 20.99
N TYR A 204 -10.71 -18.72 20.91
CA TYR A 204 -9.31 -18.38 20.70
C TYR A 204 -8.51 -18.20 22.00
N SER A 205 -9.14 -18.35 23.16
CA SER A 205 -8.44 -18.12 24.42
C SER A 205 -8.34 -19.33 25.34
N GLN A 206 -8.77 -20.49 24.89
CA GLN A 206 -8.81 -21.62 25.81
C GLN A 206 -7.41 -22.11 26.18
N PHE A 207 -6.42 -21.78 25.37
CA PHE A 207 -5.06 -22.24 25.66
C PHE A 207 -4.16 -21.09 26.13
N ILE A 208 -4.75 -19.92 26.33
CA ILE A 208 -4.04 -18.77 26.90
C ILE A 208 -4.05 -18.84 28.43
N ASN A 209 -2.92 -18.59 29.06
CA ASN A 209 -2.84 -18.76 30.52
C ASN A 209 -3.16 -17.51 31.32
N PHE A 210 -3.47 -16.43 30.65
CA PHE A 210 -3.89 -15.25 31.36
C PHE A 210 -5.40 -15.18 31.26
N PRO A 211 -6.05 -14.56 32.26
CA PRO A 211 -7.50 -14.49 32.15
C PRO A 211 -7.93 -13.46 31.10
N ILE A 212 -9.00 -13.76 30.37
CA ILE A 212 -9.44 -12.89 29.29
C ILE A 212 -10.89 -12.47 29.52
N TYR A 213 -11.11 -11.16 29.53
CA TYR A 213 -12.45 -10.61 29.77
C TYR A 213 -12.97 -9.93 28.51
N VAL A 214 -14.27 -10.14 28.29
CA VAL A 214 -15.07 -9.31 27.41
C VAL A 214 -16.01 -8.46 28.27
N TRP A 215 -16.04 -7.15 27.99
CA TRP A 215 -17.01 -6.23 28.57
C TRP A 215 -18.40 -6.59 28.10
N SER A 216 -19.21 -7.20 28.96
CA SER A 216 -20.49 -7.75 28.49
C SER A 216 -21.69 -7.33 29.32
N SER A 217 -22.87 -7.64 28.83
CA SER A 217 -24.12 -7.30 29.51
C SER A 217 -24.75 -8.52 30.18
N LYS A 218 -25.51 -8.29 31.24
CA LYS A 218 -26.24 -9.38 31.89
C LYS A 218 -27.58 -8.92 32.44
N LYS A 224 -33.54 -4.95 34.39
CA LYS A 224 -32.32 -4.40 34.99
C LYS A 224 -31.05 -5.04 34.42
N THR A 225 -30.51 -4.43 33.37
CA THR A 225 -29.27 -4.91 32.78
C THR A 225 -28.12 -4.06 33.31
N VAL A 226 -26.97 -4.71 33.48
CA VAL A 226 -25.75 -4.04 33.96
C VAL A 226 -24.58 -4.53 33.12
N TRP A 227 -23.56 -3.70 32.98
CA TRP A 227 -22.35 -4.11 32.28
C TRP A 227 -21.20 -4.36 33.25
N ASP A 228 -20.31 -5.28 32.87
CA ASP A 228 -19.11 -5.61 33.63
C ASP A 228 -18.25 -6.60 32.80
N TRP A 229 -17.00 -6.77 33.22
CA TRP A 229 -16.13 -7.80 32.65
C TRP A 229 -16.64 -9.22 32.85
N GLU A 230 -16.81 -9.95 31.74
CA GLU A 230 -17.14 -11.37 31.80
C GLU A 230 -15.90 -12.19 31.43
N LEU A 231 -15.54 -13.13 32.30
CA LEU A 231 -14.39 -14.01 32.05
C LEU A 231 -14.71 -15.01 30.94
N MET A 232 -13.77 -15.23 30.04
CA MET A 232 -14.05 -16.02 28.85
C MET A 232 -13.29 -17.35 28.84
N ASN A 233 -12.32 -17.49 29.74
CA ASN A 233 -11.50 -18.70 29.79
C ASN A 233 -11.21 -19.18 31.22
N GLU B 7 18.74 6.07 -3.40
CA GLU B 7 18.33 5.27 -4.56
C GLU B 7 16.96 4.61 -4.36
N LYS B 8 16.62 4.22 -3.12
CA LYS B 8 15.26 3.71 -2.84
C LYS B 8 14.41 4.69 -2.00
N PHE B 9 13.10 4.69 -2.28
CA PHE B 9 12.15 5.71 -1.83
C PHE B 9 10.80 5.16 -1.42
N ALA B 10 10.12 5.88 -0.53
CA ALA B 10 8.77 5.52 -0.17
C ALA B 10 7.80 6.42 -0.91
N PHE B 11 6.65 5.87 -1.27
CA PHE B 11 5.61 6.71 -1.83
C PHE B 11 5.06 7.59 -0.74
N GLN B 12 4.75 8.83 -1.11
CA GLN B 12 4.06 9.74 -0.22
C GLN B 12 2.72 9.12 0.15
N ALA B 13 2.30 9.35 1.38
CA ALA B 13 1.12 8.73 1.96
C ALA B 13 -0.11 8.82 1.06
N GLU B 14 -0.38 10.02 0.60
CA GLU B 14 -1.53 10.29 -0.27
C GLU B 14 -1.40 9.59 -1.63
N VAL B 15 -0.17 9.43 -2.10
CA VAL B 15 0.08 8.70 -3.36
C VAL B 15 -0.27 7.20 -3.17
N ASN B 16 0.01 6.65 -1.98
CA ASN B 16 -0.42 5.28 -1.68
C ASN B 16 -1.95 5.16 -1.68
N ARG B 17 -2.63 6.10 -1.04
CA ARG B 17 -4.08 6.11 -1.00
C ARG B 17 -4.65 6.32 -2.40
N MET B 18 -3.99 7.15 -3.19
CA MET B 18 -4.46 7.40 -4.54
C MET B 18 -4.34 6.11 -5.36
N MET B 19 -3.23 5.40 -5.19
CA MET B 19 -3.02 4.15 -5.90
C MET B 19 -4.13 3.15 -5.61
N LYS B 20 -4.48 3.00 -4.34
CA LYS B 20 -5.51 2.02 -3.97
C LYS B 20 -6.90 2.41 -4.50
N LEU B 21 -7.20 3.70 -4.48
CA LEU B 21 -8.46 4.19 -5.02
C LEU B 21 -8.57 3.90 -6.50
N ILE B 22 -7.55 4.27 -7.28
CA ILE B 22 -7.59 4.03 -8.72
C ILE B 22 -7.79 2.54 -9.04
N ILE B 23 -7.19 1.69 -8.22
CA ILE B 23 -7.29 0.26 -8.46
C ILE B 23 -8.69 -0.26 -8.14
N ASN B 24 -9.25 0.14 -7.00
CA ASN B 24 -10.62 -0.28 -6.67
C ASN B 24 -11.68 0.44 -7.52
N SER B 25 -11.51 1.73 -7.74
CA SER B 25 -12.32 2.48 -8.70
C SER B 25 -12.45 1.88 -10.10
N LEU B 26 -11.39 1.28 -10.62
CA LEU B 26 -11.35 0.94 -12.04
C LEU B 26 -11.09 -0.52 -12.34
N TYR B 27 -11.34 -1.37 -11.35
CA TYR B 27 -11.05 -2.80 -11.46
C TYR B 27 -11.79 -3.49 -12.61
N LYS B 28 -12.93 -2.93 -13.02
CA LYS B 28 -13.64 -3.55 -14.13
C LYS B 28 -13.57 -2.75 -15.44
N ASN B 29 -12.89 -1.62 -15.43
CA ASN B 29 -12.57 -0.89 -16.66
C ASN B 29 -11.06 -0.80 -16.86
N LYS B 30 -10.39 -1.94 -16.79
CA LYS B 30 -8.93 -1.97 -16.73
C LYS B 30 -8.23 -1.45 -17.98
N GLU B 31 -8.87 -1.58 -19.14
CA GLU B 31 -8.28 -1.19 -20.43
C GLU B 31 -7.98 0.31 -20.52
N ILE B 32 -8.60 1.08 -19.62
CA ILE B 32 -8.37 2.51 -19.47
C ILE B 32 -6.90 2.85 -19.25
N PHE B 33 -6.16 1.93 -18.60
CA PHE B 33 -4.72 2.10 -18.36
C PHE B 33 -3.99 2.50 -19.65
N LEU B 34 -4.44 1.98 -20.78
CA LEU B 34 -3.76 2.24 -22.04
C LEU B 34 -4.17 3.62 -22.55
N ARG B 35 -5.42 4.00 -22.28
CA ARG B 35 -5.86 5.34 -22.62
C ARG B 35 -5.02 6.38 -21.88
N GLU B 36 -4.80 6.15 -20.59
CA GLU B 36 -4.06 7.10 -19.80
C GLU B 36 -2.58 7.22 -20.20
N LEU B 37 -1.93 6.10 -20.51
CA LEU B 37 -0.53 6.12 -20.91
C LEU B 37 -0.37 6.81 -22.26
N ILE B 38 -1.36 6.63 -23.14
CA ILE B 38 -1.36 7.34 -24.42
C ILE B 38 -1.55 8.84 -24.23
N SER B 39 -2.44 9.20 -23.31
CA SER B 39 -2.66 10.59 -23.01
C SER B 39 -1.43 11.25 -22.35
N ASN B 40 -0.86 10.60 -21.34
CA ASN B 40 0.36 11.12 -20.68
C ASN B 40 1.51 11.38 -21.66
N ALA B 41 1.73 10.41 -22.55
CA ALA B 41 2.70 10.50 -23.62
C ALA B 41 2.49 11.75 -24.48
N SER B 42 1.25 11.93 -24.89
CA SER B 42 0.83 13.07 -25.68
C SER B 42 1.22 14.37 -24.98
N ASP B 43 0.97 14.41 -23.67
CA ASP B 43 1.31 15.61 -22.89
C ASP B 43 2.79 15.87 -22.87
N ALA B 44 3.57 14.80 -22.72
CA ALA B 44 5.03 14.93 -22.75
C ALA B 44 5.51 15.56 -24.05
N LEU B 45 4.94 15.11 -25.16
CA LEU B 45 5.26 15.60 -26.49
C LEU B 45 4.80 17.08 -26.67
N ASP B 46 3.70 17.44 -26.02
CA ASP B 46 3.26 18.82 -25.99
C ASP B 46 4.26 19.70 -25.29
N LYS B 47 4.77 19.23 -24.15
CA LYS B 47 5.70 20.02 -23.36
C LYS B 47 6.94 20.32 -24.17
N ILE B 48 7.46 19.32 -24.84
CA ILE B 48 8.72 19.51 -25.55
C ILE B 48 8.49 20.38 -26.80
N ARG B 49 7.33 20.20 -27.46
CA ARG B 49 6.91 21.06 -28.56
C ARG B 49 6.75 22.51 -28.13
N LEU B 50 6.25 22.73 -26.92
CA LEU B 50 6.13 24.09 -26.40
C LEU B 50 7.51 24.68 -26.16
N ILE B 51 8.39 23.88 -25.55
CA ILE B 51 9.76 24.30 -25.23
C ILE B 51 10.50 24.68 -26.51
N SER B 52 10.18 23.98 -27.60
CA SER B 52 10.83 24.23 -28.87
C SER B 52 10.42 25.56 -29.53
N LEU B 53 9.34 26.18 -29.05
CA LEU B 53 8.96 27.49 -29.54
C LEU B 53 10.04 28.50 -29.14
N THR B 54 10.52 28.37 -27.91
CA THR B 54 11.51 29.31 -27.40
C THR B 54 12.92 28.72 -27.44
N ASP B 55 13.07 27.44 -27.12
CA ASP B 55 14.38 26.82 -27.14
C ASP B 55 14.60 26.10 -28.46
N GLU B 56 15.38 26.71 -29.33
CA GLU B 56 15.75 26.13 -30.62
C GLU B 56 16.71 24.92 -30.49
N ASN B 57 16.94 24.46 -29.28
CA ASN B 57 17.73 23.26 -29.04
C ASN B 57 16.90 22.13 -28.43
N ALA B 58 15.66 22.46 -28.08
CA ALA B 58 14.73 21.48 -27.54
C ALA B 58 14.76 20.18 -28.31
N LEU B 59 14.48 20.26 -29.59
CA LEU B 59 14.38 19.07 -30.40
C LEU B 59 15.76 18.73 -30.95
N ALA B 60 16.74 18.74 -30.04
CA ALA B 60 18.13 18.47 -30.38
C ALA B 60 18.30 17.10 -31.01
N GLY B 61 18.46 17.07 -32.34
CA GLY B 61 18.65 15.83 -33.06
C GLY B 61 17.40 14.99 -33.12
N ASN B 62 16.99 14.44 -31.99
CA ASN B 62 15.76 13.66 -31.91
C ASN B 62 14.56 14.56 -32.14
N GLU B 63 14.31 14.88 -33.40
CA GLU B 63 13.28 15.83 -33.78
C GLU B 63 11.94 15.15 -34.05
N GLU B 64 11.90 13.83 -33.98
CA GLU B 64 10.63 13.13 -34.19
C GLU B 64 9.74 13.25 -32.94
N LEU B 65 8.44 13.40 -33.16
CA LEU B 65 7.49 13.48 -32.05
C LEU B 65 6.42 12.41 -32.17
N THR B 66 6.72 11.22 -31.67
CA THR B 66 5.84 10.08 -31.82
C THR B 66 5.63 9.33 -30.53
N VAL B 67 4.63 8.46 -30.53
CA VAL B 67 4.42 7.46 -29.51
C VAL B 67 4.48 6.12 -30.21
N LYS B 68 5.27 5.20 -29.67
CA LYS B 68 5.43 3.88 -30.29
C LYS B 68 5.21 2.80 -29.22
N ILE B 69 4.33 1.86 -29.53
CA ILE B 69 3.93 0.85 -28.57
C ILE B 69 4.39 -0.52 -29.05
N LYS B 70 4.80 -1.37 -28.12
CA LYS B 70 5.41 -2.64 -28.48
C LYS B 70 5.11 -3.73 -27.46
N CYS B 71 4.53 -4.81 -27.93
CA CYS B 71 4.31 -5.98 -27.10
C CYS B 71 5.54 -6.87 -27.15
N ASP B 72 5.91 -7.38 -25.99
CA ASP B 72 6.89 -8.43 -25.93
C ASP B 72 6.23 -9.55 -25.17
N LYS B 73 5.52 -10.39 -25.91
CA LYS B 73 4.70 -11.43 -25.33
C LYS B 73 5.55 -12.48 -24.63
N GLU B 74 6.74 -12.78 -25.14
CA GLU B 74 7.52 -13.87 -24.56
C GLU B 74 8.33 -13.40 -23.37
N LYS B 75 8.40 -12.09 -23.16
CA LYS B 75 8.95 -11.54 -21.94
C LYS B 75 7.86 -11.02 -20.98
N ASN B 76 6.59 -11.04 -21.41
CA ASN B 76 5.45 -10.57 -20.59
C ASN B 76 5.52 -9.07 -20.35
N LEU B 77 5.95 -8.36 -21.38
CA LEU B 77 6.21 -6.95 -21.26
C LEU B 77 5.38 -6.14 -22.24
N LEU B 78 4.87 -5.01 -21.77
CA LEU B 78 4.31 -4.02 -22.67
C LEU B 78 5.10 -2.72 -22.55
N HIS B 79 5.53 -2.18 -23.69
CA HIS B 79 6.32 -0.94 -23.74
C HIS B 79 5.51 0.19 -24.38
N VAL B 80 5.43 1.33 -23.71
CA VAL B 80 4.88 2.55 -24.33
C VAL B 80 5.95 3.64 -24.33
N THR B 81 6.40 4.05 -25.51
CA THR B 81 7.50 5.00 -25.61
C THR B 81 7.09 6.30 -26.32
N ASP B 82 7.46 7.44 -25.73
CA ASP B 82 7.28 8.72 -26.38
C ASP B 82 8.61 9.43 -26.54
N THR B 83 8.68 10.32 -27.53
CA THR B 83 9.87 11.13 -27.73
C THR B 83 9.64 12.56 -27.17
N GLY B 84 8.88 12.63 -26.07
CA GLY B 84 8.54 13.88 -25.43
C GLY B 84 9.69 14.49 -24.63
N VAL B 85 9.34 15.31 -23.64
CA VAL B 85 10.30 16.11 -22.88
C VAL B 85 11.25 15.27 -22.01
N GLY B 86 10.79 14.11 -21.55
CA GLY B 86 11.58 13.26 -20.67
C GLY B 86 11.53 13.75 -19.23
N MET B 87 12.25 13.07 -18.34
CA MET B 87 12.36 13.50 -16.95
C MET B 87 13.78 13.35 -16.41
N THR B 88 14.22 14.37 -15.69
CA THR B 88 15.48 14.31 -14.96
C THR B 88 15.37 13.33 -13.81
N ARG B 89 16.50 12.93 -13.24
CA ARG B 89 16.48 12.03 -12.10
C ARG B 89 15.62 12.64 -11.00
N GLU B 90 15.78 13.95 -10.79
CA GLU B 90 15.06 14.65 -9.74
C GLU B 90 13.56 14.64 -9.99
N GLU B 91 13.15 14.88 -11.24
CA GLU B 91 11.73 14.83 -11.54
C GLU B 91 11.12 13.44 -11.33
N LEU B 92 11.81 12.40 -11.75
CA LEU B 92 11.39 11.03 -11.47
C LEU B 92 11.16 10.77 -9.96
N VAL B 93 12.07 11.26 -9.12
CA VAL B 93 11.87 11.15 -7.68
C VAL B 93 10.64 11.90 -7.23
N LYS B 94 10.63 13.19 -7.52
CA LYS B 94 9.62 14.13 -7.00
C LYS B 94 8.23 13.96 -7.61
N ASN B 95 8.17 13.77 -8.92
CA ASN B 95 6.88 13.80 -9.60
C ASN B 95 6.25 12.43 -9.73
N LEU B 96 7.06 11.40 -9.70
CA LEU B 96 6.51 10.07 -9.80
C LEU B 96 6.11 9.48 -8.46
N GLY B 97 6.71 9.94 -7.37
CA GLY B 97 6.41 9.29 -6.10
C GLY B 97 6.34 10.07 -4.81
N THR B 98 7.38 10.84 -4.50
CA THR B 98 7.58 11.35 -3.14
C THR B 98 6.84 12.65 -2.84
N ILE B 99 6.26 13.28 -3.84
CA ILE B 99 5.54 14.54 -3.63
C ILE B 99 4.13 14.51 -4.20
N ALA B 100 3.15 14.87 -3.37
CA ALA B 100 1.78 14.97 -3.85
C ALA B 100 1.62 16.26 -4.64
N LYS B 101 0.57 16.34 -5.46
CA LYS B 101 0.39 17.52 -6.30
C LYS B 101 -0.39 18.57 -5.54
N SER B 102 -0.62 19.71 -6.17
CA SER B 102 -1.19 20.87 -5.50
C SER B 102 -2.45 20.55 -4.68
N GLY B 103 -3.39 19.81 -5.27
CA GLY B 103 -4.67 19.60 -4.62
C GLY B 103 -5.08 18.16 -4.51
N THR B 104 -4.15 17.33 -4.07
CA THR B 104 -4.32 15.88 -4.14
C THR B 104 -5.29 15.37 -3.08
N SER B 105 -5.15 15.87 -1.86
CA SER B 105 -6.00 15.44 -0.76
C SER B 105 -7.49 15.59 -1.08
N GLU B 106 -7.82 16.68 -1.76
CA GLU B 106 -9.20 16.96 -2.14
C GLU B 106 -9.61 16.14 -3.35
N PHE B 107 -8.66 15.88 -4.22
CA PHE B 107 -8.86 14.87 -5.27
C PHE B 107 -9.27 13.53 -4.65
N LEU B 108 -8.64 13.16 -3.54
CA LEU B 108 -8.90 11.87 -2.91
C LEU B 108 -10.33 11.75 -2.41
N ASN B 109 -10.87 12.83 -1.86
CA ASN B 109 -12.26 12.78 -1.42
C ASN B 109 -13.21 12.87 -2.62
N LYS B 110 -12.82 13.63 -3.63
CA LYS B 110 -13.52 13.59 -4.91
C LYS B 110 -13.70 12.15 -5.38
N MET B 111 -12.60 11.39 -5.40
CA MET B 111 -12.62 9.97 -5.75
C MET B 111 -13.58 9.17 -4.87
N THR B 112 -13.46 9.38 -3.56
CA THR B 112 -14.13 8.53 -2.58
C THR B 112 -15.66 8.69 -2.63
N GLU B 113 -16.14 9.89 -2.96
CA GLU B 113 -17.58 10.08 -3.10
C GLU B 113 -18.07 9.47 -4.39
N ALA B 114 -17.39 9.77 -5.50
CA ALA B 114 -17.78 9.24 -6.80
C ALA B 114 -17.64 7.71 -6.83
N GLN B 115 -18.27 7.05 -5.87
CA GLN B 115 -18.11 5.61 -5.68
C GLN B 115 -19.10 5.07 -4.65
N GLN B 119 -19.72 8.30 -9.91
CA GLN B 119 -19.50 6.87 -9.81
C GLN B 119 -18.66 6.37 -10.96
N SER B 120 -18.13 7.31 -11.73
CA SER B 120 -17.14 7.02 -12.77
C SER B 120 -15.89 7.83 -12.54
N THR B 121 -14.96 7.25 -11.79
CA THR B 121 -13.72 7.93 -11.44
C THR B 121 -12.79 8.01 -12.63
N SER B 122 -13.19 7.32 -13.71
CA SER B 122 -12.43 7.24 -14.95
C SER B 122 -12.08 8.60 -15.54
N GLU B 123 -13.01 9.54 -15.52
CA GLU B 123 -12.75 10.86 -16.10
C GLU B 123 -11.99 11.74 -15.11
N LEU B 124 -12.21 11.46 -13.82
CA LEU B 124 -11.61 12.22 -12.71
C LEU B 124 -10.07 12.04 -12.62
N ILE B 125 -9.59 10.83 -12.92
CA ILE B 125 -8.15 10.58 -12.93
C ILE B 125 -7.50 11.22 -14.16
N GLY B 126 -8.25 11.26 -15.26
CA GLY B 126 -7.79 11.90 -16.47
C GLY B 126 -7.65 13.40 -16.25
N GLN B 127 -8.71 14.02 -15.73
CA GLN B 127 -8.68 15.46 -15.52
C GLN B 127 -7.56 15.87 -14.56
N PHE B 128 -7.33 15.09 -13.51
CA PHE B 128 -6.33 15.43 -12.49
C PHE B 128 -4.95 14.99 -12.93
N GLY B 129 -4.89 14.26 -14.05
CA GLY B 129 -3.64 13.90 -14.69
C GLY B 129 -2.82 12.84 -13.97
N VAL B 130 -3.50 11.95 -13.25
CA VAL B 130 -2.80 10.98 -12.41
C VAL B 130 -2.97 9.55 -12.94
N GLY B 131 -3.44 9.43 -14.18
CA GLY B 131 -3.63 8.16 -14.85
C GLY B 131 -2.43 7.24 -15.04
N PHE B 132 -1.21 7.78 -14.91
CA PHE B 132 -0.02 6.92 -14.87
C PHE B 132 -0.13 5.75 -13.89
N TYR B 133 -0.80 5.98 -12.77
CA TYR B 133 -0.86 4.98 -11.70
C TYR B 133 -1.86 3.87 -11.98
N SER B 134 -2.63 3.98 -13.05
CA SER B 134 -3.57 2.91 -13.39
C SER B 134 -2.84 1.75 -14.07
N ALA B 135 -1.55 1.93 -14.31
CA ALA B 135 -0.74 0.83 -14.85
C ALA B 135 -0.63 -0.30 -13.81
N PHE B 136 -0.76 0.03 -12.53
CA PHE B 136 -0.73 -0.99 -11.51
C PHE B 136 -2.04 -1.80 -11.46
N LEU B 137 -2.99 -1.49 -12.34
CA LEU B 137 -4.18 -2.34 -12.54
C LEU B 137 -3.84 -3.60 -13.33
N VAL B 138 -2.91 -3.47 -14.27
CA VAL B 138 -2.60 -4.59 -15.15
C VAL B 138 -1.18 -5.13 -14.97
N ALA B 139 -0.39 -4.44 -14.15
CA ALA B 139 1.03 -4.76 -14.03
C ALA B 139 1.48 -5.04 -12.59
N ASP B 140 2.33 -6.06 -12.45
CA ASP B 140 3.02 -6.38 -11.19
C ASP B 140 4.17 -5.43 -10.93
N LYS B 141 4.81 -4.97 -11.99
CA LYS B 141 5.86 -4.01 -11.86
C LYS B 141 5.79 -3.00 -13.02
N VAL B 142 6.25 -1.79 -12.75
CA VAL B 142 6.21 -0.70 -13.68
C VAL B 142 7.59 -0.07 -13.74
N ILE B 143 8.16 -0.01 -14.94
CA ILE B 143 9.48 0.57 -15.13
C ILE B 143 9.42 1.83 -16.01
N VAL B 144 10.01 2.92 -15.54
CA VAL B 144 10.03 4.16 -16.33
C VAL B 144 11.44 4.52 -16.69
N THR B 145 11.78 4.41 -17.96
CA THR B 145 13.08 4.81 -18.46
C THR B 145 12.99 6.16 -19.17
N SER B 146 13.80 7.11 -18.72
CA SER B 146 13.63 8.46 -19.21
C SER B 146 14.94 9.20 -19.45
N LYS B 147 14.93 9.99 -20.51
CA LYS B 147 16.05 10.82 -20.90
C LYS B 147 15.55 12.25 -21.13
N HIS B 148 16.03 13.13 -20.27
CA HIS B 148 15.70 14.55 -20.33
C HIS B 148 16.89 15.22 -20.99
N ASN B 149 16.64 16.25 -21.80
CA ASN B 149 17.74 17.00 -22.41
C ASN B 149 18.78 17.48 -21.38
N ASN B 150 18.30 17.84 -20.18
CA ASN B 150 19.17 18.42 -19.14
C ASN B 150 19.74 17.42 -18.14
N ASP B 151 19.76 16.14 -18.49
CA ASP B 151 20.24 15.10 -17.57
C ASP B 151 20.60 13.82 -18.34
N THR B 152 21.24 12.88 -17.67
CA THR B 152 21.48 11.55 -18.25
C THR B 152 20.27 10.64 -18.03
N GLN B 153 20.28 9.49 -18.69
CA GLN B 153 19.15 8.58 -18.67
C GLN B 153 19.05 7.83 -17.34
N HIS B 154 17.85 7.78 -16.80
CA HIS B 154 17.60 7.15 -15.52
C HIS B 154 16.46 6.13 -15.62
N ILE B 155 16.41 5.21 -14.65
CA ILE B 155 15.36 4.21 -14.58
C ILE B 155 14.66 4.33 -13.24
N TRP B 156 13.33 4.36 -13.30
CA TRP B 156 12.44 4.35 -12.16
C TRP B 156 11.79 2.98 -12.21
N GLU B 157 11.68 2.31 -11.07
CA GLU B 157 11.11 0.96 -11.03
C GLU B 157 10.18 0.90 -9.82
N SER B 158 9.06 0.19 -9.92
CA SER B 158 8.20 0.07 -8.75
C SER B 158 7.25 -1.12 -8.85
N ASP B 159 7.07 -1.79 -7.71
CA ASP B 159 6.01 -2.80 -7.55
C ASP B 159 4.86 -2.22 -6.69
N SER B 160 4.88 -0.90 -6.53
CA SER B 160 3.91 -0.09 -5.77
C SER B 160 4.16 -0.04 -4.24
N ASN B 161 5.13 -0.82 -3.75
CA ASN B 161 5.40 -0.87 -2.30
C ASN B 161 6.57 0.03 -1.94
N GLU B 162 7.18 0.57 -2.99
CA GLU B 162 8.28 1.52 -2.93
C GLU B 162 8.76 1.68 -4.35
N PHE B 163 9.77 2.51 -4.55
CA PHE B 163 10.33 2.63 -5.90
C PHE B 163 11.76 3.00 -5.78
N SER B 164 12.52 2.78 -6.84
CA SER B 164 13.90 3.21 -6.84
C SER B 164 14.22 3.92 -8.15
N VAL B 165 15.23 4.79 -8.10
CA VAL B 165 15.74 5.44 -9.29
C VAL B 165 17.24 5.18 -9.41
N ILE B 166 17.66 4.74 -10.58
CA ILE B 166 19.06 4.44 -10.85
C ILE B 166 19.46 5.11 -12.15
N ALA B 167 20.75 5.33 -12.30
CA ALA B 167 21.29 5.76 -13.58
C ALA B 167 21.25 4.55 -14.49
N ASP B 168 20.84 4.75 -15.74
CA ASP B 168 20.78 3.65 -16.68
C ASP B 168 22.17 3.23 -17.14
N PRO B 169 22.61 2.01 -16.78
CA PRO B 169 23.90 1.47 -17.23
C PRO B 169 24.04 1.52 -18.74
N ARG B 170 22.91 1.50 -19.45
CA ARG B 170 22.93 1.38 -20.89
C ARG B 170 23.30 2.70 -21.55
N GLY B 171 23.40 3.75 -20.73
CA GLY B 171 23.67 5.08 -21.24
C GLY B 171 22.41 5.65 -21.84
N ASN B 172 22.56 6.58 -22.79
CA ASN B 172 21.44 7.30 -23.38
C ASN B 172 21.00 6.60 -24.65
N THR B 173 19.96 5.78 -24.54
CA THR B 173 19.47 5.01 -25.68
C THR B 173 18.22 5.64 -26.28
N LEU B 174 17.58 6.51 -25.51
CA LEU B 174 16.37 7.23 -25.91
C LEU B 174 16.63 8.48 -26.77
N GLY B 175 17.77 9.12 -26.57
CA GLY B 175 18.01 10.40 -27.20
C GLY B 175 17.27 11.46 -26.40
N ARG B 176 15.95 11.32 -26.38
CA ARG B 176 15.11 12.13 -25.52
C ARG B 176 13.75 11.44 -25.40
N GLY B 177 13.21 11.43 -24.18
CA GLY B 177 11.90 10.87 -23.95
C GLY B 177 11.81 9.81 -22.87
N THR B 178 10.78 8.99 -23.00
CA THR B 178 10.36 8.12 -21.93
C THR B 178 9.78 6.81 -22.45
N THR B 179 10.14 5.70 -21.80
CA THR B 179 9.48 4.44 -22.05
C THR B 179 8.83 3.96 -20.77
N ILE B 180 7.55 3.66 -20.85
CA ILE B 180 6.88 2.99 -19.75
C ILE B 180 6.85 1.47 -20.04
N THR B 181 7.41 0.70 -19.13
CA THR B 181 7.43 -0.75 -19.31
C THR B 181 6.65 -1.45 -18.21
N LEU B 182 5.72 -2.29 -18.64
CA LEU B 182 4.85 -2.99 -17.72
C LEU B 182 5.11 -4.49 -17.74
N VAL B 183 5.49 -5.01 -16.57
CA VAL B 183 5.49 -6.44 -16.36
C VAL B 183 4.04 -6.80 -16.03
N LEU B 184 3.37 -7.48 -16.96
CA LEU B 184 1.93 -7.67 -16.81
C LEU B 184 1.55 -8.74 -15.78
N LYS B 185 0.46 -8.49 -15.05
CA LYS B 185 -0.16 -9.54 -14.23
C LYS B 185 -0.63 -10.66 -15.14
N GLU B 186 -0.76 -11.88 -14.61
CA GLU B 186 -1.15 -12.98 -15.47
C GLU B 186 -2.61 -12.82 -15.92
N GLU B 187 -3.43 -12.21 -15.07
CA GLU B 187 -4.79 -11.80 -15.44
C GLU B 187 -4.79 -10.99 -16.73
N ALA B 188 -3.86 -10.04 -16.81
CA ALA B 188 -3.79 -9.07 -17.90
C ALA B 188 -3.02 -9.56 -19.11
N SER B 189 -2.92 -10.88 -19.30
CA SER B 189 -2.14 -11.43 -20.40
C SER B 189 -2.66 -10.99 -21.76
N ASP B 190 -3.95 -10.66 -21.85
CA ASP B 190 -4.57 -10.33 -23.13
C ASP B 190 -3.94 -9.07 -23.73
N TYR B 191 -3.39 -8.22 -22.87
CA TYR B 191 -2.72 -7.02 -23.35
C TYR B 191 -1.32 -7.28 -23.92
N LEU B 192 -0.98 -8.55 -24.11
CA LEU B 192 0.24 -8.91 -24.84
C LEU B 192 -0.10 -9.13 -26.30
N GLU B 193 -1.38 -9.33 -26.55
CA GLU B 193 -1.88 -9.67 -27.87
C GLU B 193 -1.99 -8.47 -28.79
N LEU B 194 -1.28 -8.51 -29.92
CA LEU B 194 -1.35 -7.44 -30.92
C LEU B 194 -2.79 -7.07 -31.25
N ASP B 195 -3.58 -8.11 -31.52
CA ASP B 195 -5.04 -8.09 -31.50
C ASP B 195 -5.58 -7.00 -30.59
N THR B 196 -5.36 -7.16 -29.29
CA THR B 196 -5.94 -6.30 -28.27
C THR B 196 -5.36 -4.87 -28.22
N ILE B 197 -4.06 -4.72 -28.46
CA ILE B 197 -3.43 -3.39 -28.36
C ILE B 197 -3.86 -2.46 -29.48
N LYS B 198 -3.82 -2.95 -30.71
CA LYS B 198 -4.26 -2.19 -31.87
C LYS B 198 -5.67 -1.63 -31.71
N ASN B 199 -6.59 -2.46 -31.24
CA ASN B 199 -7.96 -2.02 -31.10
C ASN B 199 -8.11 -1.00 -29.98
N LEU B 200 -7.36 -1.17 -28.91
CA LEU B 200 -7.43 -0.22 -27.81
C LEU B 200 -6.72 1.09 -28.16
N VAL B 201 -5.63 0.99 -28.91
CA VAL B 201 -4.97 2.20 -29.37
C VAL B 201 -5.89 3.00 -30.29
N LYS B 202 -6.31 2.41 -31.41
CA LYS B 202 -7.20 3.10 -32.35
C LYS B 202 -8.39 3.74 -31.65
N LYS B 203 -8.92 3.04 -30.67
CA LYS B 203 -10.00 3.54 -29.83
C LYS B 203 -9.59 4.81 -29.09
N TYR B 204 -8.41 4.76 -28.47
CA TYR B 204 -7.92 5.85 -27.64
C TYR B 204 -6.89 6.72 -28.36
N SER B 205 -6.82 6.62 -29.69
CA SER B 205 -5.84 7.39 -30.46
C SER B 205 -6.49 8.44 -31.35
N GLN B 206 -7.82 8.39 -31.46
CA GLN B 206 -8.55 9.26 -32.36
C GLN B 206 -8.48 10.73 -31.96
N PHE B 207 -8.11 11.00 -30.71
CA PHE B 207 -8.09 12.37 -30.22
C PHE B 207 -6.68 12.85 -29.89
N ILE B 208 -5.67 12.25 -30.52
CA ILE B 208 -4.29 12.63 -30.26
C ILE B 208 -3.67 13.25 -31.51
N ASN B 209 -2.85 14.27 -31.32
CA ASN B 209 -2.27 15.02 -32.44
C ASN B 209 -0.90 14.54 -32.88
N PHE B 210 -0.37 13.54 -32.18
CA PHE B 210 0.88 12.95 -32.62
C PHE B 210 0.59 11.58 -33.20
N PRO B 211 1.42 11.13 -34.16
CA PRO B 211 1.28 9.76 -34.67
C PRO B 211 1.59 8.72 -33.59
N ILE B 212 0.73 7.71 -33.47
CA ILE B 212 0.99 6.58 -32.60
C ILE B 212 1.19 5.32 -33.40
N TYR B 213 2.30 4.64 -33.15
CA TYR B 213 2.58 3.38 -33.83
C TYR B 213 2.50 2.20 -32.89
N VAL B 214 2.25 1.03 -33.46
CA VAL B 214 2.40 -0.25 -32.77
C VAL B 214 3.38 -1.11 -33.56
N TRP B 215 4.36 -1.71 -32.87
CA TRP B 215 5.27 -2.65 -33.54
C TRP B 215 4.44 -3.86 -33.99
N SER B 216 4.17 -3.93 -35.28
CA SER B 216 3.02 -4.70 -35.73
C SER B 216 3.25 -5.87 -36.66
N SER B 217 2.17 -6.66 -36.76
CA SER B 217 2.02 -7.91 -37.49
C SER B 217 2.00 -7.72 -38.99
N LYS B 218 2.92 -8.36 -39.70
CA LYS B 218 2.99 -8.19 -41.15
C LYS B 218 2.85 -9.53 -41.89
N THR B 225 7.87 -13.67 -42.61
CA THR B 225 7.21 -12.78 -41.66
C THR B 225 8.07 -11.56 -41.33
N VAL B 226 7.58 -10.37 -41.67
CA VAL B 226 8.27 -9.12 -41.35
C VAL B 226 7.60 -8.39 -40.20
N TRP B 227 8.33 -7.43 -39.64
CA TRP B 227 7.87 -6.61 -38.53
C TRP B 227 8.29 -5.17 -38.73
N ASP B 228 7.38 -4.23 -38.47
CA ASP B 228 7.71 -2.82 -38.51
C ASP B 228 6.61 -2.05 -37.77
N TRP B 229 6.89 -0.79 -37.43
CA TRP B 229 5.88 0.11 -36.87
C TRP B 229 4.66 0.23 -37.78
N GLU B 230 3.47 0.37 -37.18
CA GLU B 230 2.22 0.55 -37.92
C GLU B 230 1.41 1.71 -37.35
N LEU B 231 1.09 2.66 -38.22
CA LEU B 231 0.41 3.88 -37.83
C LEU B 231 -1.03 3.59 -37.43
N MET B 232 -1.45 4.16 -36.31
CA MET B 232 -2.77 3.88 -35.76
C MET B 232 -3.74 5.05 -35.80
N ASN B 233 -3.23 6.23 -36.18
CA ASN B 233 -4.06 7.44 -36.20
C ASN B 233 -3.62 8.45 -37.26
#